data_9JDQ
#
_entry.id   9JDQ
#
_cell.length_a   142.747
_cell.length_b   67.67
_cell.length_c   74.549
_cell.angle_alpha   90
_cell.angle_beta   117.88
_cell.angle_gamma   90
#
_symmetry.space_group_name_H-M   'C 1 2 1'
#
loop_
_entity.id
_entity.type
_entity.pdbx_description
1 polymer Oxidoreductase
2 water water
#
_entity_poly.entity_id   1
_entity_poly.type   'polypeptide(L)'
_entity_poly.pdbx_seq_one_letter_code
;MHHHHHHMKYTVITGASSGIGYETAKLLAGKGKSLVLVARRTSELEKLRDEVKQISPDSDVILKSVDLADNQNVHDLYEG
LKELDIETLINNAGFGDFDLVQDIELGKIEKMLRLNIEALTILSSLFARDHHDIEGTTLVNISSLGGYRIVPNAVTYCAT
KFYVSAYTEGLAQELQKGGAKLRAKVLAPAATETEFVDRARGEAGFDYSKNVHKYHTAAEMAGFLHQLIESDAIVGIVDG
ETYEFELRGPLFNYAG
;
_entity_poly.pdbx_strand_id   A,B
#
# COMPACT_ATOMS: atom_id res chain seq x y z
N MET A 8 -29.02 -14.60 11.81
CA MET A 8 -29.67 -13.27 11.90
C MET A 8 -28.61 -12.16 11.91
N LYS A 9 -27.53 -12.31 12.70
CA LYS A 9 -26.28 -11.54 12.55
C LYS A 9 -25.22 -12.34 11.77
N TYR A 10 -24.47 -11.68 10.89
CA TYR A 10 -23.56 -12.39 9.99
C TYR A 10 -22.12 -11.93 10.19
N THR A 11 -21.18 -12.88 10.03
CA THR A 11 -19.77 -12.58 9.76
C THR A 11 -19.47 -12.79 8.29
N VAL A 12 -18.89 -11.75 7.68
CA VAL A 12 -18.46 -11.78 6.30
C VAL A 12 -16.99 -12.15 6.32
N ILE A 13 -16.64 -13.25 5.65
CA ILE A 13 -15.25 -13.68 5.53
C ILE A 13 -14.86 -13.66 4.05
N THR A 14 -13.87 -12.82 3.67
CA THR A 14 -13.31 -12.93 2.33
C THR A 14 -12.15 -13.91 2.36
N GLY A 15 -11.95 -14.56 1.20
CA GLY A 15 -11.00 -15.65 1.04
C GLY A 15 -11.38 -16.85 1.91
N ALA A 16 -12.65 -17.27 1.82
CA ALA A 16 -13.16 -18.31 2.71
C ALA A 16 -12.84 -19.70 2.18
N SER A 17 -12.36 -19.82 0.93
CA SER A 17 -12.35 -21.14 0.31
C SER A 17 -11.20 -22.07 0.78
N SER A 18 -10.18 -21.50 1.38
CA SER A 18 -9.07 -22.29 1.89
C SER A 18 -8.45 -21.56 3.07
N GLY A 19 -7.46 -22.21 3.70
CA GLY A 19 -6.57 -21.55 4.65
C GLY A 19 -7.24 -20.91 5.87
N ILE A 20 -6.65 -19.77 6.33
CA ILE A 20 -7.15 -19.03 7.48
C ILE A 20 -8.67 -18.80 7.38
N GLY A 21 -9.15 -18.35 6.21
CA GLY A 21 -10.56 -18.01 6.05
C GLY A 21 -11.47 -19.20 6.28
N TYR A 22 -11.08 -20.34 5.70
CA TYR A 22 -11.78 -21.61 5.84
C TYR A 22 -11.93 -22.00 7.31
N GLU A 23 -10.79 -22.02 8.02
CA GLU A 23 -10.74 -22.41 9.41
C GLU A 23 -11.52 -21.42 10.27
N THR A 24 -11.47 -20.13 9.93
CA THR A 24 -12.23 -19.16 10.69
C THR A 24 -13.73 -19.45 10.56
N ALA A 25 -14.17 -19.74 9.33
CA ALA A 25 -15.57 -20.09 9.16
C ALA A 25 -15.95 -21.25 10.08
N LYS A 26 -15.13 -22.31 10.14
CA LYS A 26 -15.45 -23.50 10.93
C LYS A 26 -15.45 -23.18 12.42
N LEU A 27 -14.50 -22.37 12.88
CA LEU A 27 -14.45 -21.96 14.28
C LEU A 27 -15.69 -21.14 14.66
N LEU A 28 -16.05 -20.12 13.87
CA LEU A 28 -17.20 -19.29 14.20
C LEU A 28 -18.49 -20.11 14.10
N ALA A 29 -18.53 -21.12 13.21
CA ALA A 29 -19.68 -22.02 13.16
C ALA A 29 -19.79 -22.76 14.50
N GLY A 30 -18.65 -23.18 15.05
CA GLY A 30 -18.60 -23.75 16.39
C GLY A 30 -19.21 -22.85 17.44
N LYS A 31 -19.24 -21.54 17.16
CA LYS A 31 -19.85 -20.57 18.04
C LYS A 31 -21.29 -20.27 17.64
N GLY A 32 -21.82 -21.00 16.66
CA GLY A 32 -23.20 -20.83 16.22
C GLY A 32 -23.45 -19.56 15.38
N LYS A 33 -22.41 -19.01 14.77
CA LYS A 33 -22.58 -17.78 14.01
C LYS A 33 -23.04 -18.08 12.58
N SER A 34 -23.76 -17.14 11.99
CA SER A 34 -24.10 -17.18 10.57
C SER A 34 -23.03 -16.44 9.75
N LEU A 35 -22.87 -16.86 8.49
CA LEU A 35 -21.70 -16.53 7.70
C LEU A 35 -22.08 -16.16 6.28
N VAL A 36 -21.35 -15.14 5.79
CA VAL A 36 -21.25 -14.82 4.39
C VAL A 36 -19.84 -15.21 3.94
N LEU A 37 -19.72 -16.24 3.07
CA LEU A 37 -18.43 -16.78 2.66
C LEU A 37 -18.15 -16.37 1.22
N VAL A 38 -17.03 -15.65 1.03
CA VAL A 38 -16.75 -15.05 -0.27
C VAL A 38 -15.43 -15.57 -0.83
N ALA A 39 -15.43 -15.90 -2.11
CA ALA A 39 -14.26 -16.41 -2.81
C ALA A 39 -14.64 -16.67 -4.26
N ARG A 40 -13.65 -17.09 -5.08
CA ARG A 40 -13.93 -17.50 -6.44
C ARG A 40 -14.37 -18.97 -6.54
N ARG A 41 -13.82 -19.88 -5.73
CA ARG A 41 -14.05 -21.31 -5.94
C ARG A 41 -15.41 -21.73 -5.37
N THR A 42 -16.47 -21.64 -6.18
CA THR A 42 -17.83 -22.02 -5.79
C THR A 42 -17.88 -23.41 -5.14
N SER A 43 -17.21 -24.37 -5.78
CA SER A 43 -17.14 -25.76 -5.32
C SER A 43 -16.59 -25.87 -3.90
N GLU A 44 -15.52 -25.14 -3.60
CA GLU A 44 -14.91 -25.19 -2.28
C GLU A 44 -15.78 -24.42 -1.28
N LEU A 45 -16.41 -23.35 -1.76
CA LEU A 45 -17.36 -22.61 -0.93
C LEU A 45 -18.49 -23.57 -0.49
N GLU A 46 -19.00 -24.39 -1.41
CA GLU A 46 -20.05 -25.35 -1.10
C GLU A 46 -19.54 -26.46 -0.14
N LYS A 47 -18.30 -26.90 -0.29
CA LYS A 47 -17.73 -27.88 0.61
C LYS A 47 -17.67 -27.30 2.03
N LEU A 48 -17.18 -26.06 2.15
CA LEU A 48 -17.10 -25.37 3.43
C LEU A 48 -18.50 -25.25 4.03
N ARG A 49 -19.49 -24.90 3.19
CA ARG A 49 -20.88 -24.73 3.63
C ARG A 49 -21.40 -26.04 4.25
N ASP A 50 -21.13 -27.17 3.58
CA ASP A 50 -21.51 -28.46 4.14
C ASP A 50 -20.88 -28.64 5.52
N GLU A 51 -19.60 -28.30 5.66
CA GLU A 51 -18.88 -28.55 6.91
C GLU A 51 -19.39 -27.63 8.01
N VAL A 52 -19.62 -26.37 7.68
CA VAL A 52 -20.21 -25.43 8.63
C VAL A 52 -21.56 -25.94 9.12
N LYS A 53 -22.41 -26.40 8.18
CA LYS A 53 -23.72 -26.90 8.56
C LYS A 53 -23.64 -28.16 9.41
N GLN A 54 -22.60 -28.99 9.23
CA GLN A 54 -22.43 -30.18 10.04
C GLN A 54 -22.10 -29.77 11.48
N ILE A 55 -21.26 -28.74 11.61
CA ILE A 55 -20.90 -28.20 12.92
C ILE A 55 -22.10 -27.50 13.57
N SER A 56 -22.83 -26.71 12.79
CA SER A 56 -23.87 -25.85 13.33
C SER A 56 -25.07 -25.79 12.37
N PRO A 57 -26.03 -26.74 12.46
CA PRO A 57 -27.17 -26.80 11.55
C PRO A 57 -28.02 -25.55 11.49
N ASP A 58 -28.05 -24.78 12.59
CA ASP A 58 -28.85 -23.57 12.66
C ASP A 58 -28.08 -22.31 12.17
N SER A 59 -26.77 -22.42 11.87
CA SER A 59 -26.05 -21.35 11.20
C SER A 59 -26.61 -21.16 9.79
N ASP A 60 -26.97 -19.93 9.42
CA ASP A 60 -27.31 -19.61 8.05
C ASP A 60 -26.00 -19.35 7.30
N VAL A 61 -25.90 -19.87 6.08
CA VAL A 61 -24.70 -19.67 5.26
C VAL A 61 -25.11 -19.13 3.91
N ILE A 62 -24.49 -18.00 3.53
CA ILE A 62 -24.67 -17.34 2.26
C ILE A 62 -23.34 -17.39 1.53
N LEU A 63 -23.37 -17.82 0.28
CA LEU A 63 -22.17 -17.98 -0.53
C LEU A 63 -22.14 -16.91 -1.60
N LYS A 64 -20.96 -16.29 -1.77
CA LYS A 64 -20.72 -15.26 -2.76
C LYS A 64 -19.49 -15.65 -3.57
N SER A 65 -19.70 -16.14 -4.80
CA SER A 65 -18.63 -16.46 -5.72
C SER A 65 -18.27 -15.20 -6.51
N VAL A 66 -17.16 -14.59 -6.12
CA VAL A 66 -16.85 -13.25 -6.56
C VAL A 66 -15.32 -13.14 -6.69
N ASP A 67 -14.87 -12.60 -7.82
CA ASP A 67 -13.48 -12.19 -7.98
C ASP A 67 -13.31 -10.78 -7.43
N LEU A 68 -12.63 -10.68 -6.27
CA LEU A 68 -12.49 -9.42 -5.55
C LEU A 68 -11.33 -8.57 -6.06
N ALA A 69 -10.64 -9.02 -7.12
CA ALA A 69 -9.58 -8.23 -7.75
C ALA A 69 -10.14 -7.19 -8.73
N ASP A 70 -11.47 -7.13 -8.86
CA ASP A 70 -12.12 -6.11 -9.68
C ASP A 70 -12.92 -5.18 -8.77
N ASN A 71 -12.65 -3.87 -8.84
CA ASN A 71 -13.15 -2.95 -7.83
C ASN A 71 -14.69 -2.87 -7.89
N GLN A 72 -15.25 -2.93 -9.10
CA GLN A 72 -16.70 -2.91 -9.27
C GLN A 72 -17.33 -4.11 -8.57
N ASN A 73 -16.69 -5.28 -8.70
CA ASN A 73 -17.20 -6.51 -8.09
C ASN A 73 -17.24 -6.36 -6.57
N VAL A 74 -16.31 -5.59 -6.01
CA VAL A 74 -16.25 -5.42 -4.57
C VAL A 74 -17.40 -4.51 -4.12
N HIS A 75 -17.60 -3.41 -4.84
CA HIS A 75 -18.75 -2.57 -4.62
C HIS A 75 -20.06 -3.37 -4.71
N ASP A 76 -20.22 -4.16 -5.78
CA ASP A 76 -21.47 -4.88 -5.98
C ASP A 76 -21.66 -5.91 -4.87
N LEU A 77 -20.55 -6.54 -4.44
CA LEU A 77 -20.63 -7.48 -3.34
C LEU A 77 -21.27 -6.78 -2.13
N TYR A 78 -20.69 -5.64 -1.73
CA TYR A 78 -21.12 -4.97 -0.51
C TYR A 78 -22.57 -4.54 -0.60
N GLU A 79 -22.96 -3.96 -1.74
CA GLU A 79 -24.34 -3.51 -1.93
C GLU A 79 -25.32 -4.66 -1.76
N GLY A 80 -24.95 -5.87 -2.20
CA GLY A 80 -25.82 -7.02 -2.10
C GLY A 80 -26.06 -7.50 -0.66
N LEU A 81 -25.25 -7.03 0.30
CA LEU A 81 -25.44 -7.42 1.69
C LEU A 81 -26.33 -6.43 2.43
N LYS A 82 -26.90 -5.44 1.71
CA LYS A 82 -27.62 -4.34 2.33
C LYS A 82 -28.77 -4.82 3.21
N GLU A 83 -29.39 -5.95 2.86
CA GLU A 83 -30.52 -6.45 3.62
C GLU A 83 -30.06 -7.31 4.81
N LEU A 84 -28.74 -7.44 5.04
CA LEU A 84 -28.23 -8.28 6.12
C LEU A 84 -27.77 -7.42 7.28
N ASP A 85 -27.75 -8.04 8.48
CA ASP A 85 -27.16 -7.46 9.66
C ASP A 85 -25.77 -8.08 9.80
N ILE A 86 -24.75 -7.34 9.35
CA ILE A 86 -23.36 -7.76 9.46
C ILE A 86 -22.79 -7.24 10.77
N GLU A 87 -22.36 -8.14 11.65
CA GLU A 87 -21.68 -7.70 12.86
C GLU A 87 -20.15 -7.67 12.67
N THR A 88 -19.60 -8.56 11.82
CA THR A 88 -18.15 -8.66 11.64
C THR A 88 -17.84 -8.79 10.15
N LEU A 89 -16.78 -8.09 9.70
CA LEU A 89 -16.28 -8.26 8.34
C LEU A 89 -14.78 -8.52 8.43
N ILE A 90 -14.33 -9.59 7.77
CA ILE A 90 -12.95 -10.04 7.82
C ILE A 90 -12.41 -9.96 6.40
N ASN A 91 -11.42 -9.07 6.22
CA ASN A 91 -10.76 -8.90 4.93
C ASN A 91 -9.52 -9.79 4.90
N ASN A 92 -9.75 -11.08 4.53
CA ASN A 92 -8.72 -12.11 4.56
C ASN A 92 -8.23 -12.47 3.15
N ALA A 93 -9.01 -12.20 2.08
CA ALA A 93 -8.55 -12.57 0.74
C ALA A 93 -7.21 -11.89 0.44
N GLY A 94 -6.27 -12.63 -0.11
CA GLY A 94 -5.01 -12.04 -0.51
C GLY A 94 -4.06 -13.13 -0.95
N PHE A 95 -3.00 -12.74 -1.65
CA PHE A 95 -1.98 -13.69 -2.05
C PHE A 95 -0.64 -12.98 -2.13
N GLY A 96 0.40 -13.79 -2.27
CA GLY A 96 1.78 -13.29 -2.28
C GLY A 96 2.53 -13.70 -3.54
N ASP A 97 3.83 -13.44 -3.51
CA ASP A 97 4.72 -13.69 -4.62
C ASP A 97 6.13 -13.77 -4.04
N PHE A 98 6.93 -14.66 -4.62
CA PHE A 98 8.35 -14.75 -4.36
C PHE A 98 9.08 -14.47 -5.67
N ASP A 99 9.96 -13.47 -5.66
CA ASP A 99 10.78 -13.08 -6.80
C ASP A 99 11.35 -11.70 -6.53
N LEU A 100 12.50 -11.44 -7.18
CA LEU A 100 13.08 -10.11 -7.14
C LEU A 100 12.18 -9.14 -7.91
N VAL A 101 12.24 -7.87 -7.56
CA VAL A 101 11.41 -6.89 -8.23
C VAL A 101 11.70 -6.91 -9.73
N GLN A 102 12.97 -6.95 -10.09
CA GLN A 102 13.37 -6.98 -11.49
C GLN A 102 12.82 -8.21 -12.24
N ASP A 103 12.37 -9.26 -11.51
CA ASP A 103 11.89 -10.50 -12.10
C ASP A 103 10.37 -10.67 -12.08
N ILE A 104 9.59 -9.76 -11.49
CA ILE A 104 8.16 -10.00 -11.27
C ILE A 104 7.40 -9.92 -12.58
N GLU A 105 6.25 -10.62 -12.59
CA GLU A 105 5.23 -10.50 -13.62
C GLU A 105 4.20 -9.46 -13.19
N LEU A 106 3.99 -8.44 -14.05
CA LEU A 106 3.23 -7.27 -13.66
C LEU A 106 1.75 -7.58 -13.59
N GLY A 107 1.28 -8.55 -14.35
CA GLY A 107 -0.12 -8.93 -14.29
C GLY A 107 -0.50 -9.43 -12.89
N LYS A 108 0.34 -10.30 -12.35
CA LYS A 108 0.13 -10.86 -11.03
C LYS A 108 0.26 -9.78 -9.94
N ILE A 109 1.30 -8.93 -10.04
CA ILE A 109 1.56 -7.95 -8.99
C ILE A 109 0.48 -6.89 -9.05
N GLU A 110 0.04 -6.54 -10.28
CA GLU A 110 -1.05 -5.60 -10.41
C GLU A 110 -2.30 -6.15 -9.74
N LYS A 111 -2.59 -7.43 -9.97
CA LYS A 111 -3.72 -8.07 -9.34
C LYS A 111 -3.59 -8.09 -7.81
N MET A 112 -2.39 -8.36 -7.35
CA MET A 112 -2.12 -8.39 -5.92
C MET A 112 -2.43 -7.04 -5.30
N LEU A 113 -2.10 -5.96 -6.02
CA LEU A 113 -2.43 -4.65 -5.47
C LEU A 113 -3.94 -4.46 -5.41
N ARG A 114 -4.66 -4.88 -6.47
CA ARG A 114 -6.10 -4.79 -6.51
C ARG A 114 -6.77 -5.60 -5.39
N LEU A 115 -6.20 -6.74 -4.99
CA LEU A 115 -6.85 -7.61 -4.03
C LEU A 115 -6.41 -7.24 -2.62
N ASN A 116 -5.08 -7.21 -2.43
CA ASN A 116 -4.52 -7.09 -1.08
C ASN A 116 -4.82 -5.70 -0.51
N ILE A 117 -4.87 -4.72 -1.41
CA ILE A 117 -4.93 -3.31 -1.01
C ILE A 117 -6.30 -2.73 -1.32
N GLU A 118 -6.68 -2.81 -2.52
CA GLU A 118 -7.86 -2.11 -3.02
C GLU A 118 -9.14 -2.77 -2.50
N ALA A 119 -9.32 -4.08 -2.77
CA ALA A 119 -10.54 -4.71 -2.23
C ALA A 119 -10.68 -4.49 -0.72
N LEU A 120 -9.58 -4.66 0.04
CA LEU A 120 -9.58 -4.50 1.49
C LEU A 120 -9.98 -3.07 1.88
N THR A 121 -9.44 -2.08 1.17
CA THR A 121 -9.77 -0.68 1.45
C THR A 121 -11.25 -0.38 1.17
N ILE A 122 -11.72 -0.85 0.00
CA ILE A 122 -13.11 -0.64 -0.40
C ILE A 122 -14.05 -1.20 0.68
N LEU A 123 -13.86 -2.46 1.10
CA LEU A 123 -14.77 -3.08 2.05
C LEU A 123 -14.63 -2.46 3.45
N SER A 124 -13.41 -2.10 3.87
CA SER A 124 -13.20 -1.43 5.15
C SER A 124 -13.98 -0.11 5.15
N SER A 125 -13.86 0.61 4.04
CA SER A 125 -14.42 1.96 3.90
C SER A 125 -15.94 1.87 3.94
N LEU A 126 -16.46 0.93 3.15
CA LEU A 126 -17.91 0.71 3.07
C LEU A 126 -18.46 0.24 4.41
N PHE A 127 -17.75 -0.70 5.07
CA PHE A 127 -18.20 -1.15 6.37
C PHE A 127 -18.21 0.03 7.35
N ALA A 128 -17.13 0.83 7.36
CA ALA A 128 -17.03 1.92 8.31
C ALA A 128 -18.13 2.95 8.09
N ARG A 129 -18.46 3.19 6.81
CA ARG A 129 -19.43 4.20 6.42
C ARG A 129 -20.79 3.93 7.10
N ASP A 130 -21.20 2.67 7.18
CA ASP A 130 -22.53 2.40 7.69
C ASP A 130 -22.50 1.54 8.97
N HIS A 131 -21.32 1.28 9.57
CA HIS A 131 -21.25 0.59 10.85
C HIS A 131 -20.56 1.40 11.95
N HIS A 132 -19.98 2.56 11.67
CA HIS A 132 -19.11 3.23 12.64
C HIS A 132 -19.81 3.43 13.99
N ASP A 133 -21.12 3.76 13.96
CA ASP A 133 -21.88 3.99 15.19
C ASP A 133 -22.79 2.81 15.56
N ILE A 134 -22.49 1.59 15.10
CA ILE A 134 -23.37 0.45 15.39
C ILE A 134 -22.72 -0.46 16.42
N GLU A 135 -23.41 -0.66 17.56
CA GLU A 135 -22.87 -1.46 18.64
C GLU A 135 -22.55 -2.87 18.15
N GLY A 136 -21.44 -3.40 18.65
CA GLY A 136 -21.09 -4.81 18.51
C GLY A 136 -20.46 -5.14 17.15
N THR A 137 -20.01 -4.12 16.39
CA THR A 137 -19.39 -4.34 15.08
C THR A 137 -17.87 -4.32 15.13
N THR A 138 -17.26 -5.24 14.36
CA THR A 138 -15.82 -5.43 14.29
C THR A 138 -15.37 -5.57 12.84
N LEU A 139 -14.32 -4.81 12.49
CA LEU A 139 -13.62 -5.01 11.22
C LEU A 139 -12.28 -5.68 11.55
N VAL A 140 -11.95 -6.79 10.90
CA VAL A 140 -10.66 -7.45 11.04
C VAL A 140 -9.99 -7.57 9.67
N ASN A 141 -8.84 -6.90 9.54
CA ASN A 141 -7.99 -6.96 8.36
C ASN A 141 -6.79 -7.89 8.60
N ILE A 142 -6.55 -8.80 7.65
CA ILE A 142 -5.43 -9.73 7.80
C ILE A 142 -4.21 -9.13 7.09
N SER A 143 -3.24 -8.70 7.91
CA SER A 143 -1.94 -8.32 7.42
C SER A 143 -1.01 -9.53 7.47
N SER A 144 0.21 -9.35 7.99
CA SER A 144 1.21 -10.39 8.09
C SER A 144 2.32 -9.83 8.95
N LEU A 145 3.10 -10.70 9.59
CA LEU A 145 4.37 -10.31 10.19
C LEU A 145 5.20 -9.57 9.13
N GLY A 146 5.01 -9.88 7.84
CA GLY A 146 5.72 -9.20 6.78
C GLY A 146 5.17 -7.81 6.46
N GLY A 147 4.06 -7.43 7.11
CA GLY A 147 3.59 -6.05 7.10
C GLY A 147 4.19 -5.21 8.23
N TYR A 148 5.12 -5.78 8.99
CA TYR A 148 5.82 -5.05 10.04
C TYR A 148 7.34 -5.21 9.93
N ARG A 149 7.80 -6.22 9.19
CA ARG A 149 9.22 -6.37 8.90
C ARG A 149 9.32 -6.93 7.48
N ILE A 150 10.26 -6.38 6.71
CA ILE A 150 10.39 -6.69 5.28
C ILE A 150 11.18 -7.99 5.13
N VAL A 151 10.64 -8.88 4.30
CA VAL A 151 11.22 -10.20 4.02
C VAL A 151 11.85 -10.15 2.64
N PRO A 152 13.15 -10.48 2.49
CA PRO A 152 13.77 -10.59 1.17
C PRO A 152 13.00 -11.54 0.27
N ASN A 153 12.96 -11.16 -1.02
CA ASN A 153 12.42 -11.92 -2.12
C ASN A 153 10.90 -11.81 -2.13
N ALA A 154 10.34 -10.96 -1.26
CA ALA A 154 8.90 -10.77 -1.16
C ALA A 154 8.58 -9.30 -0.97
N VAL A 155 9.34 -8.42 -1.60
CA VAL A 155 9.23 -6.98 -1.30
C VAL A 155 7.83 -6.46 -1.61
N THR A 156 7.25 -6.78 -2.78
CA THR A 156 5.99 -6.20 -3.18
C THR A 156 4.88 -6.62 -2.22
N TYR A 157 4.87 -7.90 -1.88
CA TYR A 157 3.85 -8.40 -0.99
C TYR A 157 3.98 -7.75 0.38
N CYS A 158 5.23 -7.70 0.88
CA CYS A 158 5.41 -7.07 2.18
C CYS A 158 4.87 -5.63 2.13
N ALA A 159 5.18 -4.88 1.08
CA ALA A 159 4.66 -3.51 0.97
C ALA A 159 3.13 -3.52 1.02
N THR A 160 2.45 -4.50 0.40
CA THR A 160 1.00 -4.54 0.49
C THR A 160 0.59 -4.70 1.95
N LYS A 161 1.36 -5.43 2.76
CA LYS A 161 0.98 -5.70 4.13
C LYS A 161 1.38 -4.55 5.07
N PHE A 162 2.42 -3.77 4.74
CA PHE A 162 2.68 -2.54 5.43
C PHE A 162 1.48 -1.59 5.25
N TYR A 163 0.92 -1.55 4.04
CA TYR A 163 -0.31 -0.82 3.78
C TYR A 163 -1.43 -1.29 4.69
N VAL A 164 -1.66 -2.60 4.76
CA VAL A 164 -2.77 -3.14 5.54
C VAL A 164 -2.55 -2.81 7.01
N SER A 165 -1.32 -3.01 7.49
CA SER A 165 -0.99 -2.71 8.87
C SER A 165 -1.21 -1.22 9.21
N ALA A 166 -0.65 -0.32 8.39
CA ALA A 166 -0.77 1.12 8.65
C ALA A 166 -2.21 1.59 8.50
N TYR A 167 -2.88 1.16 7.43
CA TYR A 167 -4.27 1.54 7.24
C TYR A 167 -5.11 1.12 8.45
N THR A 168 -4.91 -0.12 8.90
CA THR A 168 -5.78 -0.67 9.93
C THR A 168 -5.47 -0.05 11.30
N GLU A 169 -4.20 0.13 11.62
CA GLU A 169 -3.84 0.79 12.87
C GLU A 169 -4.40 2.20 12.85
N GLY A 170 -4.21 2.90 11.74
CA GLY A 170 -4.72 4.25 11.57
C GLY A 170 -6.24 4.32 11.78
N LEU A 171 -6.96 3.40 11.11
CA LEU A 171 -8.42 3.36 11.21
C LEU A 171 -8.86 3.03 12.63
N ALA A 172 -8.22 2.02 13.23
CA ALA A 172 -8.58 1.59 14.58
C ALA A 172 -8.51 2.76 15.57
N GLN A 173 -7.42 3.53 15.46
CA GLN A 173 -7.17 4.69 16.32
C GLN A 173 -8.14 5.82 16.03
N GLU A 174 -8.48 5.99 14.76
CA GLU A 174 -9.43 7.02 14.35
C GLU A 174 -10.77 6.73 15.02
N LEU A 175 -11.16 5.45 14.97
CA LEU A 175 -12.45 5.08 15.53
C LEU A 175 -12.45 5.27 17.06
N GLN A 176 -11.42 4.78 17.73
CA GLN A 176 -11.30 4.92 19.18
C GLN A 176 -11.38 6.39 19.58
N LYS A 177 -10.56 7.21 18.92
CA LYS A 177 -10.41 8.61 19.25
C LYS A 177 -11.72 9.36 19.01
N GLY A 178 -12.55 8.87 18.07
CA GLY A 178 -13.76 9.54 17.68
C GLY A 178 -15.00 9.04 18.42
N GLY A 179 -14.82 8.05 19.33
CA GLY A 179 -15.90 7.48 20.13
C GLY A 179 -16.75 6.47 19.36
N ALA A 180 -16.16 5.86 18.32
CA ALA A 180 -16.93 4.99 17.46
C ALA A 180 -17.36 3.73 18.24
N LYS A 181 -18.47 3.12 17.84
CA LYS A 181 -18.83 1.81 18.37
C LYS A 181 -18.06 0.72 17.62
N LEU A 182 -17.87 0.91 16.32
CA LEU A 182 -17.07 -0.02 15.53
C LEU A 182 -15.64 -0.12 16.04
N ARG A 183 -15.12 -1.37 16.08
CA ARG A 183 -13.74 -1.65 16.43
C ARG A 183 -13.04 -2.26 15.21
N ALA A 184 -11.84 -1.76 14.91
CA ALA A 184 -11.05 -2.33 13.85
C ALA A 184 -9.78 -2.96 14.42
N LYS A 185 -9.45 -4.12 13.86
CA LYS A 185 -8.33 -4.91 14.34
C LYS A 185 -7.47 -5.36 13.17
N VAL A 186 -6.17 -5.62 13.46
CA VAL A 186 -5.29 -6.27 12.50
C VAL A 186 -4.68 -7.55 13.08
N LEU A 187 -4.82 -8.63 12.29
CA LEU A 187 -4.12 -9.89 12.56
C LEU A 187 -2.86 -9.94 11.68
N ALA A 188 -1.71 -10.25 12.30
CA ALA A 188 -0.45 -10.42 11.59
C ALA A 188 0.12 -11.82 11.80
N PRO A 189 -0.34 -12.84 11.03
CA PRO A 189 0.25 -14.16 11.05
C PRO A 189 1.71 -14.12 10.64
N ALA A 190 2.48 -15.04 11.21
CA ALA A 190 3.74 -15.43 10.62
C ALA A 190 3.48 -16.61 9.69
N ALA A 191 4.44 -17.54 9.55
CA ALA A 191 4.21 -18.69 8.67
C ALA A 191 2.98 -19.45 9.14
N THR A 192 2.09 -19.77 8.19
CA THR A 192 0.84 -20.48 8.46
C THR A 192 0.59 -21.45 7.32
N GLU A 193 0.23 -22.69 7.66
CA GLU A 193 0.09 -23.80 6.70
C GLU A 193 -1.25 -23.62 5.98
N THR A 194 -1.17 -23.07 4.76
CA THR A 194 -2.33 -22.74 3.93
C THR A 194 -1.92 -22.99 2.48
N GLU A 195 -2.69 -22.46 1.51
CA GLU A 195 -2.31 -22.52 0.11
C GLU A 195 -1.41 -21.34 -0.27
N PHE A 196 -0.95 -20.55 0.71
CA PHE A 196 -0.30 -19.29 0.41
C PHE A 196 0.97 -19.55 -0.38
N VAL A 197 1.81 -20.49 0.07
CA VAL A 197 3.09 -20.74 -0.59
C VAL A 197 2.85 -21.24 -2.02
N ASP A 198 1.94 -22.22 -2.21
CA ASP A 198 1.58 -22.68 -3.56
C ASP A 198 1.28 -21.50 -4.50
N ARG A 199 0.47 -20.52 -4.07
CA ARG A 199 0.00 -19.50 -4.98
C ARG A 199 1.10 -18.45 -5.21
N ALA A 200 1.98 -18.30 -4.22
CA ALA A 200 3.03 -17.30 -4.25
C ALA A 200 4.24 -17.78 -5.08
N ARG A 201 4.44 -19.10 -5.13
CA ARG A 201 5.52 -19.67 -5.99
C ARG A 201 4.92 -20.07 -7.35
N GLY A 202 3.59 -20.15 -7.43
CA GLY A 202 2.91 -20.60 -8.65
C GLY A 202 3.14 -22.09 -8.91
N GLU A 203 2.95 -22.91 -7.87
CA GLU A 203 3.34 -24.31 -7.86
C GLU A 203 2.60 -25.01 -6.71
N ALA A 204 1.74 -25.97 -7.03
CA ALA A 204 0.93 -26.66 -6.04
C ALA A 204 1.73 -27.69 -5.24
N GLY A 205 1.28 -27.97 -4.02
CA GLY A 205 1.69 -29.17 -3.30
C GLY A 205 2.78 -28.93 -2.24
N PHE A 206 3.01 -27.68 -1.82
CA PHE A 206 4.09 -27.37 -0.88
C PHE A 206 3.81 -28.00 0.48
N ASP A 207 4.84 -28.58 1.10
CA ASP A 207 4.70 -29.31 2.36
C ASP A 207 5.46 -28.57 3.45
N TYR A 208 4.71 -27.93 4.37
CA TYR A 208 5.27 -27.10 5.42
C TYR A 208 6.09 -27.94 6.41
N SER A 209 5.63 -29.18 6.69
CA SER A 209 6.27 -30.07 7.66
C SER A 209 7.71 -30.37 7.29
N LYS A 210 8.01 -30.47 5.99
CA LYS A 210 9.33 -30.86 5.50
C LYS A 210 10.12 -29.67 4.96
N ASN A 211 9.58 -28.44 5.03
CA ASN A 211 10.28 -27.29 4.48
C ASN A 211 10.39 -26.11 5.44
N VAL A 212 9.56 -26.07 6.49
CA VAL A 212 9.45 -24.89 7.37
C VAL A 212 9.62 -25.30 8.83
N HIS A 213 10.60 -24.69 9.50
CA HIS A 213 10.94 -25.02 10.88
C HIS A 213 9.85 -24.55 11.84
N LYS A 214 9.24 -23.39 11.58
CA LYS A 214 8.20 -22.85 12.45
C LYS A 214 7.03 -22.32 11.63
N TYR A 215 5.81 -22.78 11.99
CA TYR A 215 4.57 -22.34 11.36
C TYR A 215 3.39 -22.70 12.26
N HIS A 216 2.30 -21.93 12.14
CA HIS A 216 1.03 -22.28 12.79
C HIS A 216 0.17 -23.03 11.77
N THR A 217 -0.73 -23.90 12.26
CA THR A 217 -1.76 -24.44 11.39
C THR A 217 -2.78 -23.34 11.12
N ALA A 218 -3.59 -23.52 10.08
CA ALA A 218 -4.65 -22.56 9.81
C ALA A 218 -5.68 -22.59 10.94
N ALA A 219 -5.91 -23.76 11.54
CA ALA A 219 -6.80 -23.87 12.68
C ALA A 219 -6.26 -23.06 13.87
N GLU A 220 -4.95 -23.16 14.15
CA GLU A 220 -4.35 -22.38 15.22
C GLU A 220 -4.51 -20.87 14.97
N MET A 221 -4.27 -20.44 13.73
CA MET A 221 -4.40 -19.04 13.33
C MET A 221 -5.85 -18.56 13.42
N ALA A 222 -6.82 -19.45 13.12
CA ALA A 222 -8.22 -19.08 13.32
C ALA A 222 -8.51 -18.82 14.79
N GLY A 223 -7.90 -19.61 15.68
CA GLY A 223 -8.09 -19.42 17.11
C GLY A 223 -7.55 -18.08 17.58
N PHE A 224 -6.38 -17.72 17.05
CA PHE A 224 -5.77 -16.42 17.33
C PHE A 224 -6.70 -15.31 16.87
N LEU A 225 -7.18 -15.43 15.64
CA LEU A 225 -8.13 -14.51 15.04
C LEU A 225 -9.31 -14.32 15.98
N HIS A 226 -9.88 -15.41 16.50
CA HIS A 226 -11.01 -15.32 17.41
C HIS A 226 -10.62 -14.57 18.70
N GLN A 227 -9.43 -14.86 19.24
CA GLN A 227 -8.97 -14.18 20.45
C GLN A 227 -8.84 -12.67 20.23
N LEU A 228 -8.34 -12.29 19.06
CA LEU A 228 -8.21 -10.89 18.73
C LEU A 228 -9.58 -10.20 18.67
N ILE A 229 -10.59 -10.80 18.03
CA ILE A 229 -11.95 -10.26 18.02
C ILE A 229 -12.48 -10.03 19.45
N GLU A 230 -12.29 -11.01 20.33
CA GLU A 230 -12.86 -10.92 21.67
C GLU A 230 -12.04 -9.97 22.54
N SER A 231 -10.79 -9.67 22.16
CA SER A 231 -9.91 -8.82 22.96
C SER A 231 -10.23 -7.33 22.78
N ASP A 232 -9.69 -6.53 23.70
CA ASP A 232 -9.68 -5.07 23.56
C ASP A 232 -8.51 -4.59 22.70
N ALA A 233 -7.63 -5.50 22.27
CA ALA A 233 -6.41 -5.11 21.58
C ALA A 233 -6.67 -4.82 20.09
N ILE A 234 -5.87 -3.90 19.51
CA ILE A 234 -5.99 -3.59 18.10
C ILE A 234 -5.24 -4.65 17.28
N VAL A 235 -4.09 -5.09 17.76
CA VAL A 235 -3.14 -5.85 16.97
C VAL A 235 -3.02 -7.26 17.57
N GLY A 236 -3.13 -8.26 16.70
CA GLY A 236 -2.85 -9.65 17.02
C GLY A 236 -1.71 -10.13 16.15
N ILE A 237 -0.52 -10.34 16.75
CA ILE A 237 0.71 -10.52 16.01
C ILE A 237 1.48 -11.73 16.53
N VAL A 238 2.08 -12.46 15.59
CA VAL A 238 2.91 -13.60 15.93
C VAL A 238 4.35 -13.14 16.07
N ASP A 239 4.96 -13.48 17.21
CA ASP A 239 6.36 -13.21 17.47
C ASP A 239 7.22 -14.08 16.56
N GLY A 240 8.12 -13.48 15.79
CA GLY A 240 8.93 -14.16 14.80
C GLY A 240 9.98 -15.11 15.38
N GLU A 241 10.35 -14.91 16.65
CA GLU A 241 11.34 -15.78 17.28
C GLU A 241 10.65 -16.93 17.99
N THR A 242 9.65 -16.64 18.83
CA THR A 242 9.04 -17.68 19.65
C THR A 242 7.86 -18.33 18.95
N TYR A 243 7.24 -17.59 18.00
CA TYR A 243 5.95 -17.98 17.43
C TYR A 243 4.83 -17.96 18.48
N GLU A 244 5.02 -17.27 19.60
CA GLU A 244 3.91 -16.96 20.48
C GLU A 244 3.03 -15.89 19.83
N PHE A 245 1.73 -15.97 20.10
CA PHE A 245 0.75 -14.98 19.66
C PHE A 245 0.60 -13.94 20.76
N GLU A 246 0.60 -12.68 20.33
CA GLU A 246 0.52 -11.57 21.29
C GLU A 246 -0.62 -10.62 20.94
N LEU A 247 -1.45 -10.30 21.93
CA LEU A 247 -2.44 -9.26 21.75
C LEU A 247 -1.84 -7.97 22.29
N ARG A 248 -1.76 -6.94 21.44
CA ARG A 248 -1.12 -5.70 21.86
C ARG A 248 -1.63 -4.53 21.04
N GLY A 249 -1.00 -3.36 21.28
CA GLY A 249 -1.43 -2.13 20.66
C GLY A 249 -0.67 -1.86 19.37
N PRO A 250 -1.02 -0.79 18.64
CA PRO A 250 -0.32 -0.42 17.39
C PRO A 250 1.20 -0.47 17.48
N LEU A 251 1.86 -0.88 16.41
CA LEU A 251 3.31 -0.90 16.32
C LEU A 251 3.85 0.37 15.67
N PHE A 252 3.04 0.99 14.80
CA PHE A 252 3.54 2.11 14.05
C PHE A 252 3.38 3.42 14.83
N ASN A 253 4.32 4.31 14.52
CA ASN A 253 4.37 5.66 15.01
C ASN A 253 3.06 6.31 14.60
N TYR A 254 2.40 6.91 15.60
CA TYR A 254 1.14 7.57 15.38
C TYR A 254 1.18 8.96 16.03
N ALA A 255 0.64 9.98 15.33
CA ALA A 255 0.72 11.37 15.78
C ALA A 255 -0.67 11.94 16.00
N GLY A 256 -1.44 11.27 16.87
CA GLY A 256 -2.78 11.74 17.17
C GLY A 256 -3.04 11.75 18.67
N MET B 8 20.75 13.66 -23.88
CA MET B 8 21.44 12.37 -24.17
C MET B 8 21.11 11.32 -23.09
N LYS B 9 21.41 11.60 -21.81
CA LYS B 9 20.87 10.85 -20.69
C LYS B 9 19.70 11.62 -20.07
N TYR B 10 18.65 10.92 -19.61
CA TYR B 10 17.43 11.60 -19.21
C TYR B 10 17.07 11.27 -17.78
N THR B 11 16.45 12.24 -17.10
CA THR B 11 15.72 12.04 -15.86
C THR B 11 14.24 12.14 -16.17
N VAL B 12 13.51 11.08 -15.79
CA VAL B 12 12.06 11.03 -15.88
C VAL B 12 11.51 11.51 -14.55
N ILE B 13 10.66 12.54 -14.59
CA ILE B 13 9.98 13.05 -13.41
C ILE B 13 8.48 12.93 -13.60
N THR B 14 7.78 12.09 -12.81
CA THR B 14 6.32 12.14 -12.81
C THR B 14 5.84 13.20 -11.81
N GLY B 15 4.66 13.75 -12.12
CA GLY B 15 4.10 14.88 -11.41
C GLY B 15 4.99 16.10 -11.58
N ALA B 16 5.38 16.41 -12.82
CA ALA B 16 6.31 17.51 -13.02
C ALA B 16 5.58 18.85 -13.11
N SER B 17 4.25 18.84 -13.12
CA SER B 17 3.56 20.05 -13.58
C SER B 17 3.43 21.11 -12.48
N SER B 18 3.69 20.72 -11.24
CA SER B 18 3.65 21.62 -10.12
C SER B 18 4.52 21.06 -9.00
N GLY B 19 4.70 21.85 -7.94
CA GLY B 19 5.20 21.34 -6.67
C GLY B 19 6.64 20.84 -6.72
N ILE B 20 6.91 19.79 -5.94
CA ILE B 20 8.24 19.19 -5.86
C ILE B 20 8.79 18.82 -7.23
N GLY B 21 7.95 18.19 -8.06
CA GLY B 21 8.38 17.76 -9.38
C GLY B 21 8.84 18.92 -10.25
N TYR B 22 8.04 20.00 -10.26
CA TYR B 22 8.34 21.20 -11.01
C TYR B 22 9.71 21.79 -10.62
N GLU B 23 9.91 21.98 -9.31
CA GLU B 23 11.17 22.48 -8.79
C GLU B 23 12.33 21.51 -9.05
N THR B 24 12.07 20.20 -8.99
CA THR B 24 13.15 19.26 -9.28
C THR B 24 13.60 19.44 -10.71
N ALA B 25 12.62 19.59 -11.63
CA ALA B 25 12.99 19.78 -13.03
C ALA B 25 13.89 21.02 -13.17
N LYS B 26 13.52 22.11 -12.49
CA LYS B 26 14.25 23.37 -12.58
C LYS B 26 15.66 23.22 -11.99
N LEU B 27 15.77 22.52 -10.86
CA LEU B 27 17.07 22.28 -10.25
C LEU B 27 17.96 21.44 -11.18
N LEU B 28 17.45 20.32 -11.69
CA LEU B 28 18.27 19.45 -12.52
C LEU B 28 18.63 20.15 -13.85
N ALA B 29 17.76 21.03 -14.36
CA ALA B 29 18.10 21.85 -15.52
C ALA B 29 19.35 22.71 -15.22
N GLY B 30 19.42 23.22 -13.98
CA GLY B 30 20.58 23.93 -13.46
C GLY B 30 21.89 23.13 -13.55
N LYS B 31 21.77 21.80 -13.54
CA LYS B 31 22.90 20.91 -13.66
C LYS B 31 23.08 20.40 -15.10
N GLY B 32 22.31 20.95 -16.05
CA GLY B 32 22.47 20.65 -17.46
C GLY B 32 21.81 19.34 -17.90
N LYS B 33 20.89 18.81 -17.10
CA LYS B 33 20.32 17.51 -17.38
C LYS B 33 19.18 17.63 -18.38
N SER B 34 18.97 16.56 -19.16
CA SER B 34 17.80 16.40 -20.02
C SER B 34 16.70 15.67 -19.25
N LEU B 35 15.45 15.96 -19.63
CA LEU B 35 14.30 15.62 -18.80
C LEU B 35 13.16 15.06 -19.65
N VAL B 36 12.49 14.07 -19.05
CA VAL B 36 11.18 13.64 -19.51
C VAL B 36 10.22 14.04 -18.39
N LEU B 37 9.27 14.95 -18.70
CA LEU B 37 8.39 15.54 -17.72
C LEU B 37 6.98 15.01 -17.95
N VAL B 38 6.40 14.37 -16.91
CA VAL B 38 5.13 13.65 -17.09
C VAL B 38 4.11 14.22 -16.13
N ALA B 39 2.92 14.49 -16.67
CA ALA B 39 1.76 14.96 -15.92
C ALA B 39 0.56 15.03 -16.86
N ARG B 40 -0.60 15.44 -16.33
CA ARG B 40 -1.78 15.65 -17.17
C ARG B 40 -1.81 17.04 -17.80
N ARG B 41 -1.36 18.06 -17.07
CA ARG B 41 -1.56 19.44 -17.49
C ARG B 41 -0.52 19.82 -18.54
N THR B 42 -0.87 19.63 -19.82
CA THR B 42 -0.02 19.96 -20.96
C THR B 42 0.49 21.39 -20.89
N SER B 43 -0.42 22.33 -20.58
CA SER B 43 -0.12 23.75 -20.48
C SER B 43 0.98 24.02 -19.45
N GLU B 44 0.85 23.46 -18.25
CA GLU B 44 1.89 23.65 -17.24
C GLU B 44 3.19 22.95 -17.64
N LEU B 45 3.12 21.78 -18.28
CA LEU B 45 4.32 21.10 -18.74
C LEU B 45 5.06 22.02 -19.72
N GLU B 46 4.32 22.65 -20.65
CA GLU B 46 4.88 23.56 -21.64
C GLU B 46 5.50 24.80 -21.00
N LYS B 47 4.88 25.34 -19.93
CA LYS B 47 5.45 26.42 -19.16
C LYS B 47 6.75 25.98 -18.51
N LEU B 48 6.76 24.77 -17.91
CA LEU B 48 7.95 24.26 -17.23
C LEU B 48 9.09 24.12 -18.24
N ARG B 49 8.76 23.60 -19.43
CA ARG B 49 9.70 23.38 -20.52
C ARG B 49 10.38 24.70 -20.90
N ASP B 50 9.58 25.77 -21.03
CA ASP B 50 10.14 27.08 -21.32
C ASP B 50 11.13 27.49 -20.23
N GLU B 51 10.78 27.23 -18.98
CA GLU B 51 11.60 27.65 -17.87
C GLU B 51 12.88 26.82 -17.80
N VAL B 52 12.74 25.52 -18.07
CA VAL B 52 13.90 24.65 -18.14
C VAL B 52 14.86 25.14 -19.23
N LYS B 53 14.34 25.45 -20.42
CA LYS B 53 15.20 25.83 -21.54
C LYS B 53 15.88 27.19 -21.30
N GLN B 54 15.26 28.06 -20.51
CA GLN B 54 15.81 29.36 -20.14
C GLN B 54 17.02 29.15 -19.22
N ILE B 55 16.87 28.22 -18.27
CA ILE B 55 17.96 27.86 -17.37
C ILE B 55 19.08 27.16 -18.14
N SER B 56 18.71 26.23 -19.02
CA SER B 56 19.66 25.33 -19.66
C SER B 56 19.29 25.07 -21.12
N PRO B 57 19.68 25.96 -22.07
CA PRO B 57 19.32 25.84 -23.48
C PRO B 57 19.68 24.53 -24.15
N ASP B 58 20.73 23.85 -23.66
CA ASP B 58 21.16 22.60 -24.23
C ASP B 58 20.50 21.37 -23.59
N SER B 59 19.72 21.54 -22.52
CA SER B 59 18.87 20.46 -22.00
C SER B 59 17.82 20.06 -23.03
N ASP B 60 17.71 18.76 -23.34
CA ASP B 60 16.60 18.29 -24.14
C ASP B 60 15.40 18.01 -23.23
N VAL B 61 14.20 18.45 -23.63
CA VAL B 61 12.99 18.23 -22.84
C VAL B 61 11.94 17.51 -23.68
N ILE B 62 11.43 16.40 -23.14
CA ILE B 62 10.37 15.60 -23.70
C ILE B 62 9.19 15.70 -22.74
N LEU B 63 8.03 16.02 -23.31
CA LEU B 63 6.81 16.16 -22.56
C LEU B 63 5.91 14.97 -22.81
N LYS B 64 5.33 14.45 -21.72
CA LYS B 64 4.38 13.35 -21.79
C LYS B 64 3.15 13.74 -20.97
N SER B 65 2.05 14.02 -21.70
CA SER B 65 0.74 14.33 -21.14
C SER B 65 -0.01 13.02 -20.94
N VAL B 66 0.01 12.50 -19.69
CA VAL B 66 -0.44 11.16 -19.40
C VAL B 66 -1.12 11.16 -18.03
N ASP B 67 -2.31 10.57 -17.97
CA ASP B 67 -2.98 10.27 -16.71
C ASP B 67 -2.42 8.94 -16.19
N LEU B 68 -1.64 9.01 -15.11
CA LEU B 68 -0.93 7.83 -14.59
C LEU B 68 -1.78 7.00 -13.63
N ALA B 69 -3.05 7.39 -13.41
CA ALA B 69 -4.01 6.64 -12.61
C ALA B 69 -4.60 5.45 -13.37
N ASP B 70 -4.20 5.26 -14.61
CA ASP B 70 -4.61 4.12 -15.42
C ASP B 70 -3.38 3.25 -15.63
N ASN B 71 -3.46 1.96 -15.25
CA ASN B 71 -2.31 1.07 -15.27
C ASN B 71 -1.76 0.89 -16.70
N GLN B 72 -2.65 0.81 -17.69
CA GLN B 72 -2.22 0.64 -19.07
C GLN B 72 -1.44 1.87 -19.54
N ASN B 73 -1.91 3.07 -19.15
CA ASN B 73 -1.26 4.32 -19.52
C ASN B 73 0.19 4.32 -19.02
N VAL B 74 0.40 3.70 -17.86
CA VAL B 74 1.71 3.67 -17.26
C VAL B 74 2.67 2.78 -18.06
N HIS B 75 2.21 1.54 -18.31
CA HIS B 75 2.90 0.63 -19.21
C HIS B 75 3.23 1.34 -20.54
N ASP B 76 2.23 1.98 -21.17
CA ASP B 76 2.47 2.61 -22.47
C ASP B 76 3.51 3.74 -22.37
N LEU B 77 3.43 4.51 -21.29
CA LEU B 77 4.39 5.57 -21.06
C LEU B 77 5.79 4.94 -21.11
N TYR B 78 6.03 3.91 -20.29
CA TYR B 78 7.37 3.36 -20.16
C TYR B 78 7.85 2.81 -21.50
N GLU B 79 6.96 2.10 -22.20
CA GLU B 79 7.32 1.50 -23.49
C GLU B 79 7.81 2.56 -24.48
N GLY B 80 7.21 3.75 -24.42
CA GLY B 80 7.60 4.85 -25.27
C GLY B 80 8.97 5.43 -24.95
N LEU B 81 9.57 5.10 -23.79
CA LEU B 81 10.88 5.65 -23.49
C LEU B 81 12.00 4.73 -23.98
N LYS B 82 11.66 3.64 -24.69
CA LYS B 82 12.61 2.55 -24.90
C LYS B 82 13.82 3.00 -25.71
N GLU B 83 13.69 4.08 -26.48
CA GLU B 83 14.80 4.55 -27.29
C GLU B 83 15.63 5.62 -26.58
N LEU B 84 15.32 5.87 -25.30
CA LEU B 84 16.03 6.86 -24.51
C LEU B 84 16.94 6.14 -23.52
N ASP B 85 18.04 6.81 -23.17
CA ASP B 85 18.91 6.39 -22.08
C ASP B 85 18.47 7.16 -20.83
N ILE B 86 17.65 6.49 -20.00
CA ILE B 86 17.18 7.05 -18.75
C ILE B 86 18.19 6.72 -17.66
N GLU B 87 18.76 7.75 -17.02
CA GLU B 87 19.66 7.50 -15.90
C GLU B 87 18.90 7.58 -14.58
N THR B 88 17.83 8.39 -14.49
CA THR B 88 17.10 8.55 -13.23
C THR B 88 15.59 8.53 -13.51
N LEU B 89 14.84 7.90 -12.60
CA LEU B 89 13.39 7.86 -12.66
C LEU B 89 12.85 8.27 -11.29
N ILE B 90 12.00 9.30 -11.28
CA ILE B 90 11.47 9.87 -10.05
C ILE B 90 9.96 9.72 -10.08
N ASN B 91 9.48 8.89 -9.13
CA ASN B 91 8.07 8.59 -8.97
C ASN B 91 7.49 9.56 -7.95
N ASN B 92 7.13 10.76 -8.44
CA ASN B 92 6.67 11.87 -7.60
C ASN B 92 5.17 12.11 -7.72
N ALA B 93 4.52 11.75 -8.85
CA ALA B 93 3.09 11.96 -8.98
C ALA B 93 2.34 11.36 -7.81
N GLY B 94 1.42 12.12 -7.22
CA GLY B 94 0.67 11.63 -6.08
C GLY B 94 -0.25 12.69 -5.53
N PHE B 95 -1.29 12.26 -4.82
CA PHE B 95 -2.15 13.22 -4.13
C PHE B 95 -2.69 12.57 -2.85
N GLY B 96 -3.33 13.42 -2.06
CA GLY B 96 -3.82 13.06 -0.74
C GLY B 96 -5.30 13.40 -0.55
N ASP B 97 -5.74 13.22 0.69
CA ASP B 97 -7.13 13.39 1.08
C ASP B 97 -7.15 13.64 2.59
N PHE B 98 -8.11 14.49 3.03
CA PHE B 98 -8.41 14.70 4.44
C PHE B 98 -9.88 14.36 4.62
N ASP B 99 -10.15 13.41 5.50
CA ASP B 99 -11.49 12.98 5.84
C ASP B 99 -11.33 11.70 6.65
N LEU B 100 -12.33 11.42 7.49
CA LEU B 100 -12.37 10.17 8.22
C LEU B 100 -12.66 9.07 7.21
N VAL B 101 -12.30 7.83 7.55
CA VAL B 101 -12.51 6.74 6.61
C VAL B 101 -14.01 6.62 6.28
N GLN B 102 -14.86 6.68 7.30
CA GLN B 102 -16.30 6.52 7.11
C GLN B 102 -16.88 7.59 6.18
N ASP B 103 -16.11 8.67 5.94
CA ASP B 103 -16.55 9.82 5.17
C ASP B 103 -15.95 9.91 3.75
N ILE B 104 -15.02 9.04 3.36
CA ILE B 104 -14.27 9.21 2.12
C ILE B 104 -15.15 8.93 0.91
N GLU B 105 -14.78 9.57 -0.22
CA GLU B 105 -15.34 9.26 -1.52
C GLU B 105 -14.45 8.22 -2.18
N LEU B 106 -15.04 7.05 -2.52
CA LEU B 106 -14.28 5.89 -2.95
C LEU B 106 -13.68 6.09 -4.34
N GLY B 107 -14.29 6.94 -5.15
CA GLY B 107 -13.76 7.21 -6.48
C GLY B 107 -12.38 7.85 -6.40
N LYS B 108 -12.27 8.87 -5.55
CA LYS B 108 -11.01 9.53 -5.30
C LYS B 108 -9.99 8.59 -4.64
N ILE B 109 -10.44 7.78 -3.67
CA ILE B 109 -9.50 6.97 -2.89
C ILE B 109 -8.99 5.83 -3.77
N GLU B 110 -9.92 5.26 -4.55
CA GLU B 110 -9.51 4.28 -5.52
C GLU B 110 -8.45 4.86 -6.44
N LYS B 111 -8.70 6.06 -7.00
CA LYS B 111 -7.71 6.70 -7.86
C LYS B 111 -6.38 6.90 -7.16
N MET B 112 -6.43 7.33 -5.90
CA MET B 112 -5.24 7.53 -5.10
C MET B 112 -4.40 6.25 -5.00
N LEU B 113 -5.08 5.10 -4.86
CA LEU B 113 -4.38 3.83 -4.82
C LEU B 113 -3.73 3.56 -6.17
N ARG B 114 -4.51 3.74 -7.25
CA ARG B 114 -3.94 3.56 -8.59
C ARG B 114 -2.72 4.47 -8.84
N LEU B 115 -2.71 5.71 -8.33
CA LEU B 115 -1.62 6.63 -8.63
C LEU B 115 -0.46 6.43 -7.67
N ASN B 116 -0.77 6.52 -6.36
CA ASN B 116 0.28 6.62 -5.35
C ASN B 116 1.00 5.29 -5.19
N ILE B 117 0.28 4.21 -5.43
CA ILE B 117 0.79 2.85 -5.24
C ILE B 117 1.06 2.15 -6.57
N GLU B 118 0.04 2.15 -7.43
CA GLU B 118 0.16 1.26 -8.58
C GLU B 118 1.14 1.81 -9.61
N ALA B 119 0.85 3.07 -10.02
CA ALA B 119 1.75 3.68 -11.01
C ALA B 119 3.19 3.60 -10.54
N LEU B 120 3.42 3.91 -9.26
CA LEU B 120 4.76 3.89 -8.69
C LEU B 120 5.39 2.50 -8.75
N THR B 121 4.60 1.47 -8.50
CA THR B 121 5.10 0.10 -8.52
C THR B 121 5.39 -0.34 -9.95
N ILE B 122 4.54 0.06 -10.89
CA ILE B 122 4.69 -0.32 -12.27
C ILE B 122 5.99 0.26 -12.81
N LEU B 123 6.21 1.58 -12.61
CA LEU B 123 7.41 2.20 -13.14
C LEU B 123 8.65 1.73 -12.39
N SER B 124 8.57 1.50 -11.07
CA SER B 124 9.72 1.01 -10.32
C SER B 124 10.15 -0.36 -10.91
N SER B 125 9.16 -1.23 -11.11
CA SER B 125 9.34 -2.59 -11.58
C SER B 125 9.95 -2.57 -12.98
N LEU B 126 9.34 -1.78 -13.88
CA LEU B 126 9.81 -1.74 -15.24
C LEU B 126 11.22 -1.15 -15.32
N PHE B 127 11.50 -0.12 -14.50
CA PHE B 127 12.82 0.49 -14.46
C PHE B 127 13.83 -0.56 -13.98
N ALA B 128 13.52 -1.25 -12.87
CA ALA B 128 14.39 -2.24 -12.28
C ALA B 128 14.69 -3.34 -13.29
N ARG B 129 13.65 -3.78 -14.01
CA ARG B 129 13.73 -4.90 -14.92
C ARG B 129 14.84 -4.67 -15.95
N ASP B 130 14.99 -3.42 -16.45
CA ASP B 130 16.01 -3.18 -17.46
C ASP B 130 17.06 -2.14 -17.04
N HIS B 131 17.17 -1.79 -15.75
CA HIS B 131 18.27 -0.93 -15.31
C HIS B 131 19.10 -1.56 -14.17
N HIS B 132 18.70 -2.71 -13.61
CA HIS B 132 19.32 -3.25 -12.40
C HIS B 132 20.86 -3.33 -12.53
N ASP B 133 21.35 -3.72 -13.73
CA ASP B 133 22.79 -3.88 -13.97
C ASP B 133 23.39 -2.73 -14.79
N ILE B 134 22.78 -1.53 -14.75
CA ILE B 134 23.30 -0.44 -15.56
C ILE B 134 23.91 0.61 -14.64
N GLU B 135 25.20 0.92 -14.87
CA GLU B 135 25.89 1.85 -14.01
C GLU B 135 25.23 3.22 -14.08
N GLY B 136 25.25 3.92 -12.94
CA GLY B 136 24.85 5.31 -12.82
C GLY B 136 23.33 5.54 -12.84
N THR B 137 22.54 4.46 -12.65
CA THR B 137 21.08 4.57 -12.64
C THR B 137 20.54 4.69 -11.22
N THR B 138 19.48 5.53 -11.04
CA THR B 138 18.88 5.77 -9.74
C THR B 138 17.36 5.81 -9.88
N LEU B 139 16.68 5.09 -8.98
CA LEU B 139 15.23 5.20 -8.81
C LEU B 139 14.97 5.98 -7.53
N VAL B 140 14.17 7.06 -7.60
CA VAL B 140 13.76 7.81 -6.43
C VAL B 140 12.24 7.80 -6.35
N ASN B 141 11.72 7.17 -5.30
CA ASN B 141 10.28 7.20 -5.00
C ASN B 141 9.97 8.25 -3.92
N ILE B 142 8.92 9.04 -4.14
CA ILE B 142 8.56 10.06 -3.11
C ILE B 142 7.48 9.47 -2.19
N SER B 143 7.86 9.19 -0.95
CA SER B 143 6.85 8.84 0.08
C SER B 143 6.46 10.13 0.81
N SER B 144 6.49 10.09 2.13
CA SER B 144 6.14 11.22 3.01
C SER B 144 6.62 10.89 4.42
N LEU B 145 6.76 11.90 5.26
CA LEU B 145 6.94 11.60 6.67
C LEU B 145 5.73 10.81 7.15
N GLY B 146 4.60 11.01 6.44
CA GLY B 146 3.37 10.29 6.69
C GLY B 146 3.43 8.82 6.25
N GLY B 147 4.51 8.41 5.59
CA GLY B 147 4.80 7.02 5.28
C GLY B 147 5.62 6.33 6.36
N TYR B 148 5.89 7.06 7.45
CA TYR B 148 6.67 6.56 8.58
C TYR B 148 5.96 6.82 9.91
N ARG B 149 5.02 7.77 9.93
CA ARG B 149 4.20 8.01 11.10
C ARG B 149 2.83 8.50 10.65
N ILE B 150 1.75 7.94 11.24
CA ILE B 150 0.39 8.17 10.82
C ILE B 150 -0.11 9.51 11.38
N VAL B 151 -0.86 10.20 10.53
CA VAL B 151 -1.45 11.50 10.74
C VAL B 151 -2.95 11.32 10.86
N PRO B 152 -3.60 11.80 11.94
CA PRO B 152 -5.06 11.79 12.01
C PRO B 152 -5.70 12.50 10.83
N ASN B 153 -6.81 11.95 10.32
CA ASN B 153 -7.65 12.53 9.28
C ASN B 153 -7.06 12.27 7.89
N ALA B 154 -5.98 11.47 7.81
CA ALA B 154 -5.29 11.20 6.56
C ALA B 154 -4.89 9.73 6.46
N VAL B 155 -5.73 8.84 7.00
CA VAL B 155 -5.33 7.44 7.22
C VAL B 155 -5.02 6.78 5.87
N THR B 156 -5.89 6.95 4.86
CA THR B 156 -5.74 6.23 3.61
C THR B 156 -4.45 6.68 2.90
N TYR B 157 -4.21 7.97 2.93
CA TYR B 157 -3.05 8.53 2.27
C TYR B 157 -1.79 8.05 2.97
N CYS B 158 -1.81 8.13 4.31
CA CYS B 158 -0.62 7.69 5.04
C CYS B 158 -0.33 6.25 4.67
N ALA B 159 -1.36 5.38 4.69
CA ALA B 159 -1.15 3.99 4.29
C ALA B 159 -0.49 3.85 2.90
N THR B 160 -0.92 4.65 1.91
CA THR B 160 -0.28 4.60 0.62
C THR B 160 1.21 4.91 0.76
N LYS B 161 1.61 5.78 1.71
CA LYS B 161 3.00 6.19 1.83
C LYS B 161 3.80 5.19 2.66
N PHE B 162 3.17 4.49 3.62
CA PHE B 162 3.77 3.34 4.24
C PHE B 162 4.09 2.29 3.18
N TYR B 163 3.23 2.10 2.17
CA TYR B 163 3.49 1.20 1.07
C TYR B 163 4.74 1.67 0.31
N VAL B 164 4.77 2.98 -0.01
CA VAL B 164 5.89 3.53 -0.77
C VAL B 164 7.20 3.39 0.02
N SER B 165 7.16 3.67 1.30
CA SER B 165 8.34 3.55 2.15
C SER B 165 8.84 2.11 2.25
N ALA B 166 7.92 1.17 2.51
CA ALA B 166 8.32 -0.22 2.70
C ALA B 166 8.78 -0.79 1.38
N TYR B 167 8.05 -0.50 0.30
CA TYR B 167 8.39 -1.00 -1.02
C TYR B 167 9.79 -0.52 -1.36
N THR B 168 10.05 0.76 -1.12
CA THR B 168 11.28 1.32 -1.63
C THR B 168 12.47 0.87 -0.78
N GLU B 169 12.32 0.84 0.54
CA GLU B 169 13.38 0.34 1.37
C GLU B 169 13.67 -1.11 1.01
N GLY B 170 12.63 -1.92 0.86
CA GLY B 170 12.80 -3.32 0.44
C GLY B 170 13.59 -3.47 -0.88
N LEU B 171 13.17 -2.71 -1.88
CA LEU B 171 13.81 -2.73 -3.19
C LEU B 171 15.25 -2.27 -3.06
N ALA B 172 15.48 -1.17 -2.33
CA ALA B 172 16.82 -0.60 -2.22
C ALA B 172 17.78 -1.64 -1.63
N GLN B 173 17.33 -2.34 -0.58
CA GLN B 173 18.16 -3.34 0.08
C GLN B 173 18.32 -4.60 -0.75
N GLU B 174 17.30 -4.97 -1.52
CA GLU B 174 17.38 -6.08 -2.44
C GLU B 174 18.48 -5.85 -3.48
N LEU B 175 18.49 -4.65 -4.05
CA LEU B 175 19.49 -4.28 -5.05
C LEU B 175 20.89 -4.27 -4.44
N GLN B 176 21.05 -3.59 -3.31
CA GLN B 176 22.35 -3.52 -2.64
C GLN B 176 22.92 -4.90 -2.41
N LYS B 177 22.16 -5.74 -1.72
CA LYS B 177 22.58 -7.07 -1.33
C LYS B 177 22.81 -7.97 -2.53
N GLY B 178 22.13 -7.70 -3.64
CA GLY B 178 22.26 -8.50 -4.83
C GLY B 178 23.34 -7.99 -5.78
N GLY B 179 24.08 -6.94 -5.36
CA GLY B 179 25.18 -6.37 -6.12
C GLY B 179 24.73 -5.58 -7.35
N ALA B 180 23.49 -5.04 -7.30
CA ALA B 180 22.96 -4.35 -8.45
C ALA B 180 23.73 -3.03 -8.62
N LYS B 181 23.75 -2.50 -9.85
CA LYS B 181 24.30 -1.18 -10.12
C LYS B 181 23.24 -0.10 -9.84
N LEU B 182 21.96 -0.40 -10.14
CA LEU B 182 20.86 0.48 -9.80
C LEU B 182 20.77 0.74 -8.28
N ARG B 183 20.61 2.03 -7.92
CA ARG B 183 20.34 2.45 -6.55
C ARG B 183 18.88 2.90 -6.47
N ALA B 184 18.20 2.53 -5.37
CA ALA B 184 16.84 2.99 -5.14
C ALA B 184 16.82 3.80 -3.85
N LYS B 185 16.12 4.93 -3.89
CA LYS B 185 16.05 5.86 -2.76
C LYS B 185 14.61 6.28 -2.48
N VAL B 186 14.34 6.68 -1.22
CA VAL B 186 13.04 7.21 -0.85
C VAL B 186 13.22 8.59 -0.20
N LEU B 187 12.45 9.56 -0.75
CA LEU B 187 12.34 10.89 -0.16
C LEU B 187 11.05 10.93 0.66
N ALA B 188 11.16 11.43 1.89
CA ALA B 188 10.03 11.55 2.81
C ALA B 188 9.90 12.99 3.31
N PRO B 189 9.26 13.89 2.52
CA PRO B 189 9.09 15.26 2.96
C PRO B 189 8.10 15.33 4.11
N ALA B 190 8.23 16.35 4.95
CA ALA B 190 7.07 16.80 5.76
C ALA B 190 6.30 17.87 4.98
N ALA B 191 5.74 18.80 5.75
CA ALA B 191 4.98 19.91 5.14
C ALA B 191 5.87 20.61 4.09
N THR B 192 5.36 20.66 2.86
CA THR B 192 6.01 21.36 1.73
C THR B 192 4.96 22.16 0.96
N GLU B 193 5.29 23.42 0.70
CA GLU B 193 4.40 24.37 0.03
C GLU B 193 4.28 24.02 -1.47
N THR B 194 3.22 23.25 -1.78
CA THR B 194 2.88 22.85 -3.14
C THR B 194 1.37 22.98 -3.33
N GLU B 195 0.80 22.28 -4.34
CA GLU B 195 -0.64 22.22 -4.51
C GLU B 195 -1.27 21.04 -3.74
N PHE B 196 -0.50 20.41 -2.85
CA PHE B 196 -0.95 19.17 -2.25
C PHE B 196 -2.18 19.44 -1.39
N VAL B 197 -2.17 20.51 -0.59
CA VAL B 197 -3.26 20.72 0.35
C VAL B 197 -4.53 21.04 -0.44
N ASP B 198 -4.39 21.89 -1.47
CA ASP B 198 -5.51 22.23 -2.35
C ASP B 198 -6.16 20.97 -2.92
N ARG B 199 -5.37 20.04 -3.45
CA ARG B 199 -5.93 18.82 -4.05
C ARG B 199 -6.49 17.89 -2.99
N ALA B 200 -5.86 17.88 -1.81
CA ALA B 200 -6.20 16.92 -0.76
C ALA B 200 -7.49 17.31 -0.06
N ARG B 201 -7.79 18.63 0.02
CA ARG B 201 -9.02 19.12 0.62
C ARG B 201 -10.08 19.41 -0.44
N GLY B 202 -9.67 19.46 -1.73
CA GLY B 202 -10.58 19.68 -2.84
C GLY B 202 -11.05 21.13 -2.95
N GLU B 203 -10.13 22.07 -2.78
CA GLU B 203 -10.42 23.50 -2.91
C GLU B 203 -9.11 24.27 -2.96
N ALA B 204 -8.98 25.20 -3.92
CA ALA B 204 -7.73 25.88 -4.23
C ALA B 204 -7.46 27.08 -3.29
N GLY B 205 -6.19 27.50 -3.23
CA GLY B 205 -5.80 28.76 -2.61
C GLY B 205 -5.45 28.65 -1.13
N PHE B 206 -5.03 27.46 -0.65
CA PHE B 206 -4.54 27.32 0.72
C PHE B 206 -3.23 28.10 0.85
N ASP B 207 -3.10 28.88 1.93
CA ASP B 207 -1.91 29.68 2.15
C ASP B 207 -1.09 29.08 3.29
N TYR B 208 0.09 28.55 2.97
CA TYR B 208 0.93 27.88 3.95
C TYR B 208 1.45 28.90 4.96
N SER B 209 1.79 30.11 4.49
CA SER B 209 2.37 31.14 5.36
C SER B 209 1.44 31.49 6.52
N LYS B 210 0.11 31.44 6.30
CA LYS B 210 -0.86 31.85 7.31
C LYS B 210 -1.54 30.64 7.99
N ASN B 211 -1.12 29.41 7.67
CA ASN B 211 -1.79 28.23 8.22
C ASN B 211 -0.83 27.17 8.77
N VAL B 212 0.43 27.17 8.32
CA VAL B 212 1.37 26.11 8.71
C VAL B 212 2.57 26.74 9.41
N HIS B 213 2.87 26.25 10.63
CA HIS B 213 3.98 26.76 11.44
C HIS B 213 5.33 26.38 10.85
N LYS B 214 5.48 25.13 10.39
CA LYS B 214 6.73 24.68 9.81
C LYS B 214 6.47 24.01 8.44
N TYR B 215 7.21 24.46 7.42
CA TYR B 215 7.12 23.88 6.09
C TYR B 215 8.35 24.26 5.27
N HIS B 216 8.70 23.39 4.31
CA HIS B 216 9.76 23.69 3.37
C HIS B 216 9.09 24.21 2.10
N THR B 217 9.81 25.05 1.35
CA THR B 217 9.37 25.37 -0.01
C THR B 217 9.63 24.16 -0.89
N ALA B 218 8.95 24.16 -2.05
CA ALA B 218 9.19 23.14 -3.05
C ALA B 218 10.61 23.22 -3.59
N ALA B 219 11.16 24.44 -3.65
CA ALA B 219 12.55 24.61 -4.04
C ALA B 219 13.49 23.96 -3.02
N GLU B 220 13.24 24.18 -1.73
CA GLU B 220 14.04 23.55 -0.71
C GLU B 220 13.96 22.02 -0.80
N MET B 221 12.74 21.50 -0.99
CA MET B 221 12.55 20.05 -1.08
C MET B 221 13.30 19.46 -2.30
N ALA B 222 13.32 20.21 -3.43
CA ALA B 222 14.07 19.79 -4.60
C ALA B 222 15.57 19.68 -4.29
N GLY B 223 16.07 20.63 -3.49
CA GLY B 223 17.45 20.60 -3.04
C GLY B 223 17.75 19.32 -2.25
N PHE B 224 16.85 18.99 -1.31
CA PHE B 224 16.98 17.75 -0.53
C PHE B 224 16.98 16.52 -1.43
N LEU B 225 16.04 16.47 -2.36
CA LEU B 225 15.94 15.39 -3.32
C LEU B 225 17.28 15.24 -4.04
N HIS B 226 17.89 16.35 -4.49
CA HIS B 226 19.16 16.27 -5.19
C HIS B 226 20.25 15.72 -4.26
N GLN B 227 20.29 16.17 -2.99
CA GLN B 227 21.25 15.71 -2.02
C GLN B 227 21.11 14.20 -1.80
N LEU B 228 19.86 13.72 -1.70
CA LEU B 228 19.58 12.30 -1.60
C LEU B 228 20.13 11.49 -2.80
N ILE B 229 19.88 11.92 -4.04
CA ILE B 229 20.45 11.28 -5.22
C ILE B 229 21.97 11.15 -5.13
N GLU B 230 22.64 12.25 -4.78
CA GLU B 230 24.09 12.27 -4.79
C GLU B 230 24.66 11.48 -3.60
N SER B 231 23.83 11.26 -2.56
CA SER B 231 24.29 10.57 -1.36
C SER B 231 24.33 9.06 -1.58
N ASP B 232 24.99 8.38 -0.64
CA ASP B 232 24.93 6.93 -0.57
C ASP B 232 23.76 6.45 0.28
N ALA B 233 22.99 7.36 0.89
CA ALA B 233 21.90 6.97 1.80
C ALA B 233 20.67 6.50 1.04
N ILE B 234 19.89 5.59 1.64
CA ILE B 234 18.65 5.12 1.04
C ILE B 234 17.50 6.11 1.27
N VAL B 235 17.45 6.70 2.46
CA VAL B 235 16.32 7.45 2.92
C VAL B 235 16.76 8.90 3.10
N GLY B 236 15.92 9.81 2.59
CA GLY B 236 16.03 11.24 2.83
C GLY B 236 14.71 11.71 3.42
N ILE B 237 14.72 12.04 4.72
CA ILE B 237 13.53 12.25 5.53
C ILE B 237 13.65 13.56 6.32
N VAL B 238 12.54 14.31 6.35
CA VAL B 238 12.46 15.50 7.19
C VAL B 238 12.04 15.09 8.59
N ASP B 239 12.79 15.57 9.59
CA ASP B 239 12.45 15.36 11.00
C ASP B 239 11.26 16.24 11.37
N GLY B 240 10.20 15.64 11.92
CA GLY B 240 8.95 16.31 12.22
C GLY B 240 9.06 17.34 13.35
N GLU B 241 10.03 17.14 14.24
CA GLU B 241 10.28 18.01 15.37
C GLU B 241 11.13 19.21 14.95
N THR B 242 12.28 18.98 14.29
CA THR B 242 13.22 20.06 14.00
C THR B 242 13.06 20.65 12.60
N TYR B 243 12.44 19.87 11.72
CA TYR B 243 12.37 20.16 10.29
C TYR B 243 13.78 20.18 9.65
N GLU B 244 14.75 19.49 10.25
CA GLU B 244 16.01 19.26 9.58
C GLU B 244 15.85 18.12 8.57
N PHE B 245 16.60 18.20 7.49
CA PHE B 245 16.62 17.14 6.50
C PHE B 245 17.72 16.15 6.85
N GLU B 246 17.38 14.85 6.83
CA GLU B 246 18.27 13.81 7.31
C GLU B 246 18.48 12.75 6.25
N LEU B 247 19.75 12.47 5.92
CA LEU B 247 20.09 11.34 5.10
C LEU B 247 20.39 10.17 6.02
N ARG B 248 19.61 9.09 5.86
CA ARG B 248 19.61 7.96 6.76
C ARG B 248 19.52 6.65 5.99
N GLY B 249 19.77 5.55 6.74
CA GLY B 249 19.49 4.22 6.27
C GLY B 249 18.02 3.86 6.44
N PRO B 250 17.61 2.69 5.91
CA PRO B 250 16.23 2.19 6.07
C PRO B 250 15.75 2.33 7.52
N LEU B 251 14.48 2.69 7.71
CA LEU B 251 13.91 2.90 9.03
C LEU B 251 13.13 1.67 9.48
N PHE B 252 12.57 0.91 8.53
CA PHE B 252 11.80 -0.27 8.88
C PHE B 252 12.71 -1.47 9.09
N ASN B 253 12.21 -2.40 9.91
CA ASN B 253 12.86 -3.68 10.17
C ASN B 253 12.94 -4.50 8.88
N TYR B 254 14.09 -5.14 8.72
CA TYR B 254 14.43 -5.87 7.51
C TYR B 254 15.03 -7.21 7.91
N ALA B 255 14.44 -8.30 7.39
CA ALA B 255 14.85 -9.63 7.84
C ALA B 255 15.92 -10.23 6.94
N GLY B 256 16.70 -9.38 6.26
CA GLY B 256 17.72 -9.84 5.32
C GLY B 256 19.13 -9.52 5.82
#